data_1ZLP
#
_entry.id   1ZLP
#
_cell.length_a   156.190
_cell.length_b   156.190
_cell.length_c   75.050
_cell.angle_alpha   90.00
_cell.angle_beta   90.00
_cell.angle_gamma   120.00
#
_symmetry.space_group_name_H-M   'P 31 2 1'
#
loop_
_entity.id
_entity.type
_entity.pdbx_description
1 polymer 'petal death protein'
2 non-polymer 'MAGNESIUM ION'
3 non-polymer 5-HYDROXYPENTANAL
4 water water
#
_entity_poly.entity_id   1
_entity_poly.type   'polypeptide(L)'
_entity_poly.pdbx_seq_one_letter_code
;MAPPNGTTNGETEVATQGSYTAVSTGRKTTMHRLIEEHGSVLMPGVQDALSAAVVEKTGFHAAFVSGYSVSAAMLGLPDF
GLLTTTEVVEATRRITAAAPNLCVVVDGDTGGGGPLNVQRFIRELISAGAKGVFLEDQVWPKKCGHMRGKAVVPAEEHAL
KIAAAREAIGDSDFFLVARTDARAPHGLEEGIRRANLYKEAGADATFVEAPANVDELKEVSAKTKGLRIANMIEGGKTPL
HTPEEFKEMGFHLIAHSLTAVYATARALVNIMKILKEKGTTRDDLDQMATFSEFNELISLESWYEMESKFKNFTPKAT
;
_entity_poly.pdbx_strand_id   A,B
#
loop_
_chem_comp.id
_chem_comp.type
_chem_comp.name
_chem_comp.formula
GAQ non-polymer 5-HYDROXYPENTANAL 'C5 H10 O2'
MG non-polymer 'MAGNESIUM ION' 'Mg 2'
#
# COMPACT_ATOMS: atom_id res chain seq x y z
N LYS A 28 19.37 6.88 13.23
CA LYS A 28 18.56 6.91 14.49
C LYS A 28 17.20 6.29 14.30
N THR A 29 17.11 5.33 13.38
CA THR A 29 15.91 4.51 13.10
C THR A 29 15.16 3.97 14.34
N THR A 30 13.84 3.89 14.28
CA THR A 30 13.05 3.21 15.35
C THR A 30 13.74 1.97 15.97
N MET A 31 14.16 1.02 15.15
CA MET A 31 14.82 -0.13 15.74
C MET A 31 16.08 0.28 16.54
N HIS A 32 16.98 1.04 15.93
CA HIS A 32 18.14 1.59 16.69
C HIS A 32 17.67 2.14 18.04
N ARG A 33 16.57 2.89 18.02
CA ARG A 33 15.94 3.38 19.25
C ARG A 33 15.57 2.22 20.18
N LEU A 34 14.88 1.21 19.64
CA LEU A 34 14.44 0.08 20.47
C LEU A 34 15.59 -0.70 21.10
N ILE A 35 16.64 -0.92 20.31
CA ILE A 35 17.84 -1.62 20.76
C ILE A 35 18.59 -0.83 21.84
N GLU A 36 18.30 0.46 21.93
CA GLU A 36 18.94 1.28 22.94
C GLU A 36 18.11 1.37 24.21
N GLU A 37 16.81 1.56 24.05
CA GLU A 37 15.92 1.62 25.21
C GLU A 37 15.98 0.29 25.95
N HIS A 38 16.03 -0.78 25.17
CA HIS A 38 16.22 -2.12 25.71
C HIS A 38 17.60 -2.59 25.27
N GLY A 39 17.95 -3.83 25.60
CA GLY A 39 19.30 -4.32 25.30
C GLY A 39 19.27 -5.35 24.20
N SER A 40 18.40 -6.32 24.35
CA SER A 40 18.10 -7.24 23.28
C SER A 40 16.64 -7.08 23.00
N VAL A 41 16.30 -6.70 21.78
CA VAL A 41 14.93 -6.60 21.40
C VAL A 41 14.42 -7.99 21.06
N LEU A 42 13.31 -8.41 21.68
CA LEU A 42 12.72 -9.71 21.30
C LEU A 42 11.57 -9.61 20.27
N MET A 43 11.72 -10.21 19.10
CA MET A 43 10.86 -9.88 17.95
C MET A 43 10.16 -11.15 17.44
N PRO A 44 8.99 -11.41 18.00
CA PRO A 44 8.25 -12.61 17.65
C PRO A 44 7.87 -12.56 16.20
N GLY A 45 7.90 -13.72 15.56
CA GLY A 45 7.48 -13.88 14.18
C GLY A 45 5.96 -13.89 14.14
N VAL A 46 5.42 -13.58 12.97
CA VAL A 46 4.05 -13.17 12.81
C VAL A 46 3.74 -13.41 11.34
N GLN A 47 2.55 -13.89 11.01
CA GLN A 47 2.29 -14.16 9.58
C GLN A 47 0.96 -13.66 9.04
N ASP A 48 0.25 -12.90 9.85
CA ASP A 48 -0.93 -12.21 9.39
C ASP A 48 -1.45 -11.26 10.44
N ALA A 49 -2.63 -10.74 10.15
CA ALA A 49 -3.17 -9.61 10.86
C ALA A 49 -3.49 -9.99 12.31
N LEU A 50 -4.11 -11.14 12.49
CA LEU A 50 -4.52 -11.55 13.81
C LEU A 50 -3.30 -11.79 14.69
N SER A 51 -2.30 -12.48 14.14
CA SER A 51 -1.12 -12.81 14.92
C SER A 51 -0.36 -11.53 15.22
N ALA A 52 -0.18 -10.68 14.21
CA ALA A 52 0.39 -9.36 14.49
C ALA A 52 -0.36 -8.68 15.63
N ALA A 53 -1.69 -8.72 15.59
CA ALA A 53 -2.48 -8.10 16.62
C ALA A 53 -2.17 -8.68 17.98
N VAL A 54 -2.32 -10.00 18.10
CA VAL A 54 -2.04 -10.68 19.35
C VAL A 54 -0.66 -10.30 19.83
N VAL A 55 0.30 -10.37 18.93
CA VAL A 55 1.67 -10.01 19.28
C VAL A 55 1.73 -8.58 19.85
N GLU A 56 1.04 -7.63 19.22
CA GLU A 56 1.12 -6.25 19.69
C GLU A 56 0.35 -6.10 20.98
N LYS A 57 -0.75 -6.84 21.08
CA LYS A 57 -1.60 -6.73 22.22
C LYS A 57 -0.86 -7.36 23.44
N THR A 58 0.16 -8.17 23.17
CA THR A 58 0.84 -8.88 24.25
C THR A 58 1.97 -8.07 24.84
N GLY A 59 2.31 -6.94 24.23
CA GLY A 59 3.32 -6.08 24.83
C GLY A 59 4.68 -6.03 24.15
N PHE A 60 4.89 -6.82 23.11
CA PHE A 60 6.11 -6.74 22.30
C PHE A 60 6.15 -5.41 21.54
N HIS A 61 7.33 -4.97 21.12
CA HIS A 61 7.43 -3.70 20.40
C HIS A 61 7.88 -3.89 18.99
N ALA A 62 8.34 -5.09 18.69
CA ALA A 62 8.77 -5.34 17.35
C ALA A 62 8.18 -6.66 16.81
N ALA A 63 7.96 -6.75 15.52
CA ALA A 63 7.52 -8.04 14.97
C ALA A 63 8.11 -8.33 13.60
N PHE A 64 8.29 -9.60 13.30
CA PHE A 64 9.03 -9.98 12.12
C PHE A 64 8.01 -10.66 11.26
N VAL A 65 7.83 -10.22 10.01
CA VAL A 65 7.00 -10.97 9.03
C VAL A 65 7.67 -12.27 8.45
N SER A 66 7.46 -13.44 9.03
CA SER A 66 8.15 -14.62 8.52
C SER A 66 7.76 -15.26 7.12
N GLY A 67 8.65 -15.15 6.15
CA GLY A 67 8.35 -15.70 4.84
C GLY A 67 7.93 -17.16 4.85
N TYR A 68 8.54 -17.87 5.80
CA TYR A 68 8.21 -19.26 6.08
C TYR A 68 6.74 -19.28 6.53
N SER A 69 6.48 -18.65 7.67
CA SER A 69 5.12 -18.47 8.15
C SER A 69 4.13 -18.12 7.03
N VAL A 70 4.40 -16.99 6.37
CA VAL A 70 3.52 -16.54 5.32
C VAL A 70 3.26 -17.56 4.20
N SER A 71 4.28 -18.14 3.60
CA SER A 71 4.02 -19.27 2.67
C SER A 71 3.01 -20.24 3.23
N ALA A 72 3.20 -20.66 4.48
CA ALA A 72 2.30 -21.61 5.08
C ALA A 72 0.92 -20.96 5.29
N ALA A 73 0.87 -19.91 6.10
CA ALA A 73 -0.41 -19.36 6.49
C ALA A 73 -1.20 -18.85 5.29
N MET A 74 -0.57 -17.97 4.51
CA MET A 74 -1.24 -17.31 3.42
C MET A 74 -1.37 -18.13 2.12
N LEU A 75 -0.49 -19.11 1.86
CA LEU A 75 -0.56 -19.88 0.58
C LEU A 75 -0.51 -21.36 0.76
N GLY A 76 -0.14 -21.84 1.95
CA GLY A 76 -0.08 -23.28 2.22
C GLY A 76 1.07 -23.92 1.43
N LEU A 77 2.23 -23.28 1.52
CA LEU A 77 3.40 -23.65 0.77
C LEU A 77 4.61 -23.75 1.69
N PRO A 78 5.40 -24.79 1.41
CA PRO A 78 6.67 -24.99 2.04
C PRO A 78 7.48 -23.78 1.72
N ASP A 79 8.37 -23.42 2.64
CA ASP A 79 9.36 -22.36 2.40
C ASP A 79 10.37 -22.76 1.32
N PHE A 80 9.98 -22.63 0.07
CA PHE A 80 10.81 -23.05 -1.04
C PHE A 80 11.13 -21.92 -2.01
N GLY A 81 11.01 -20.67 -1.55
CA GLY A 81 11.20 -19.51 -2.41
C GLY A 81 10.12 -19.53 -3.47
N LEU A 82 8.86 -19.52 -3.03
CA LEU A 82 7.75 -19.53 -3.95
C LEU A 82 7.02 -18.27 -3.71
N LEU A 83 6.97 -17.92 -2.43
CA LEU A 83 6.38 -16.68 -1.96
C LEU A 83 7.12 -15.61 -2.68
N THR A 84 6.39 -14.71 -3.35
CA THR A 84 7.05 -13.66 -4.13
C THR A 84 7.18 -12.41 -3.34
N THR A 85 7.88 -11.46 -3.93
CA THR A 85 8.15 -10.22 -3.29
C THR A 85 6.86 -9.40 -3.21
N THR A 86 6.06 -9.49 -4.27
CA THR A 86 4.72 -8.92 -4.33
C THR A 86 3.89 -9.47 -3.17
N GLU A 87 3.78 -10.80 -3.10
CA GLU A 87 3.05 -11.43 -2.02
C GLU A 87 3.47 -10.92 -0.61
N VAL A 88 4.76 -10.85 -0.36
CA VAL A 88 5.26 -10.46 0.96
C VAL A 88 4.80 -9.06 1.31
N VAL A 89 4.66 -8.22 0.30
CA VAL A 89 4.30 -6.83 0.53
C VAL A 89 2.84 -6.72 0.92
N GLU A 90 1.98 -7.35 0.13
CA GLU A 90 0.56 -7.39 0.48
C GLU A 90 0.50 -7.85 1.92
N ALA A 91 0.97 -9.07 2.16
CA ALA A 91 1.06 -9.57 3.54
C ALA A 91 1.49 -8.47 4.52
N THR A 92 2.56 -7.77 4.19
CA THR A 92 3.08 -6.69 5.04
C THR A 92 2.04 -5.63 5.31
N ARG A 93 1.60 -4.93 4.27
CA ARG A 93 0.50 -3.96 4.39
C ARG A 93 -0.58 -4.31 5.45
N ARG A 94 -1.19 -5.50 5.34
CA ARG A 94 -2.24 -5.90 6.28
C ARG A 94 -1.71 -5.94 7.70
N ILE A 95 -0.65 -6.74 7.90
CA ILE A 95 0.00 -6.81 9.21
C ILE A 95 0.19 -5.42 9.84
N THR A 96 0.56 -4.46 9.01
CA THR A 96 0.99 -3.16 9.42
C THR A 96 -0.19 -2.33 9.90
N ALA A 97 -1.25 -2.34 9.11
CA ALA A 97 -2.47 -1.59 9.42
C ALA A 97 -3.10 -2.09 10.70
N ALA A 98 -3.08 -3.40 10.86
CA ALA A 98 -3.80 -4.06 11.93
C ALA A 98 -3.02 -3.88 13.23
N ALA A 99 -1.72 -3.63 13.12
CA ALA A 99 -0.85 -3.59 14.26
C ALA A 99 0.05 -2.38 14.05
N PRO A 100 -0.56 -1.21 14.12
CA PRO A 100 0.02 -0.01 13.52
C PRO A 100 1.15 0.58 14.37
N ASN A 101 1.36 0.03 15.58
CA ASN A 101 2.48 0.40 16.42
C ASN A 101 3.67 -0.56 16.35
N LEU A 102 3.41 -1.85 16.34
CA LEU A 102 4.49 -2.78 16.11
C LEU A 102 5.43 -2.24 15.05
N CYS A 103 6.67 -2.00 15.48
CA CYS A 103 7.82 -1.90 14.61
C CYS A 103 7.96 -3.20 13.79
N VAL A 104 7.40 -3.18 12.58
CA VAL A 104 7.32 -4.42 11.80
C VAL A 104 8.51 -4.58 10.88
N VAL A 105 9.16 -5.75 10.90
CA VAL A 105 10.38 -5.97 10.10
C VAL A 105 10.19 -7.17 9.21
N VAL A 106 10.45 -7.01 7.91
CA VAL A 106 10.08 -8.04 6.93
C VAL A 106 11.19 -8.98 6.49
N ASP A 107 10.90 -10.28 6.47
CA ASP A 107 11.82 -11.27 5.91
C ASP A 107 11.75 -11.01 4.42
N GLY A 108 12.87 -10.64 3.82
CA GLY A 108 12.83 -10.24 2.43
C GLY A 108 13.36 -11.36 1.57
N ASP A 109 13.74 -12.45 2.21
CA ASP A 109 14.43 -13.46 1.44
C ASP A 109 15.46 -12.77 0.53
N THR A 110 15.52 -13.26 -0.69
CA THR A 110 16.51 -12.85 -1.69
C THR A 110 16.41 -11.43 -2.22
N GLY A 111 15.31 -10.74 -1.96
CA GLY A 111 15.14 -9.35 -2.40
C GLY A 111 14.55 -9.25 -3.78
N GLY A 112 14.13 -10.39 -4.35
CA GLY A 112 13.40 -10.40 -5.62
C GLY A 112 14.28 -10.34 -6.86
N GLY A 113 15.60 -10.44 -6.70
CA GLY A 113 16.51 -10.45 -7.84
C GLY A 113 17.68 -9.49 -7.71
N GLY A 114 17.96 -8.77 -8.80
CA GLY A 114 19.05 -7.78 -8.83
C GLY A 114 18.85 -6.57 -7.94
N PRO A 115 19.86 -5.70 -7.90
CA PRO A 115 19.83 -4.51 -7.05
C PRO A 115 18.61 -3.62 -7.33
N LEU A 116 18.20 -3.53 -8.60
CA LEU A 116 16.97 -2.83 -8.95
C LEU A 116 15.73 -3.44 -8.33
N ASN A 117 15.64 -4.77 -8.35
CA ASN A 117 14.50 -5.43 -7.76
C ASN A 117 14.54 -5.16 -6.29
N VAL A 118 15.74 -5.12 -5.74
CA VAL A 118 15.85 -4.89 -4.32
C VAL A 118 15.27 -3.53 -4.04
N GLN A 119 15.59 -2.57 -4.89
CA GLN A 119 15.16 -1.20 -4.66
C GLN A 119 13.65 -0.98 -4.79
N ARG A 120 13.01 -1.56 -5.79
CA ARG A 120 11.55 -1.46 -5.91
C ARG A 120 10.93 -1.99 -4.63
N PHE A 121 11.64 -2.93 -4.00
CA PHE A 121 11.08 -3.72 -2.93
C PHE A 121 11.17 -2.91 -1.65
N ILE A 122 12.34 -2.35 -1.39
CA ILE A 122 12.48 -1.44 -0.26
C ILE A 122 11.45 -0.32 -0.31
N ARG A 123 11.25 0.26 -1.49
CA ARG A 123 10.29 1.32 -1.68
C ARG A 123 8.92 0.79 -1.30
N GLU A 124 8.51 -0.28 -1.96
CA GLU A 124 7.23 -0.92 -1.69
C GLU A 124 6.96 -1.18 -0.20
N LEU A 125 7.92 -1.82 0.46
CA LEU A 125 7.87 -2.08 1.90
C LEU A 125 7.74 -0.78 2.72
N ILE A 126 8.53 0.24 2.37
CA ILE A 126 8.43 1.49 3.12
C ILE A 126 6.99 1.97 2.96
N SER A 127 6.48 1.82 1.75
CA SER A 127 5.11 2.26 1.51
C SER A 127 4.14 1.42 2.27
N ALA A 128 4.50 0.18 2.53
CA ALA A 128 3.58 -0.78 3.16
C ALA A 128 3.62 -0.63 4.66
N GLY A 129 4.39 0.34 5.15
CA GLY A 129 4.40 0.72 6.57
C GLY A 129 5.43 -0.02 7.43
N ALA A 130 6.41 -0.66 6.81
CA ALA A 130 7.39 -1.45 7.55
C ALA A 130 8.48 -0.56 8.10
N LYS A 131 9.38 -1.14 8.90
CA LYS A 131 10.55 -0.41 9.35
C LYS A 131 11.85 -1.25 9.24
N GLY A 132 11.80 -2.38 8.54
CA GLY A 132 13.04 -3.09 8.25
C GLY A 132 12.93 -4.34 7.41
N VAL A 133 14.06 -4.81 6.90
CA VAL A 133 14.05 -6.04 6.14
C VAL A 133 15.26 -6.82 6.54
N PHE A 134 15.21 -8.12 6.22
CA PHE A 134 16.35 -9.02 6.28
C PHE A 134 16.54 -9.37 4.85
N LEU A 135 17.77 -9.24 4.32
CA LEU A 135 18.10 -9.69 2.96
C LEU A 135 19.20 -10.78 2.90
N GLU A 136 18.99 -11.83 2.10
CA GLU A 136 19.80 -13.07 2.21
C GLU A 136 20.80 -13.43 1.09
N ASP A 137 21.87 -14.09 1.54
CA ASP A 137 22.94 -14.69 0.73
C ASP A 137 22.58 -15.72 -0.35
N GLN A 138 21.40 -16.32 -0.29
CA GLN A 138 21.18 -17.60 -0.97
C GLN A 138 20.96 -17.47 -2.45
N VAL A 139 21.28 -18.56 -3.16
CA VAL A 139 20.91 -18.67 -4.57
C VAL A 139 19.38 -18.67 -4.58
N TRP A 140 18.77 -18.27 -5.70
CA TRP A 140 17.31 -18.37 -5.85
C TRP A 140 16.92 -19.61 -6.70
N PRO A 141 15.98 -20.41 -6.20
CA PRO A 141 15.08 -20.01 -5.07
C PRO A 141 15.55 -20.42 -3.65
N LYS A 142 15.53 -19.46 -2.71
CA LYS A 142 15.98 -19.71 -1.33
C LYS A 142 15.19 -20.81 -0.60
N LYS A 143 15.76 -21.28 0.48
CA LYS A 143 15.11 -22.24 1.28
C LYS A 143 15.06 -21.60 2.61
N CYS A 144 14.56 -22.34 3.58
CA CYS A 144 14.51 -21.84 4.92
C CYS A 144 15.98 -21.59 5.33
N GLY A 145 16.22 -21.33 6.62
CA GLY A 145 17.59 -21.13 7.12
C GLY A 145 18.15 -22.30 7.93
N HIS A 146 17.25 -23.22 8.27
CA HIS A 146 17.60 -24.41 9.03
C HIS A 146 17.23 -25.64 8.19
N MET A 147 17.03 -25.42 6.89
CA MET A 147 16.67 -26.49 5.96
C MET A 147 17.89 -27.11 5.23
N ARG A 148 17.65 -28.29 4.64
CA ARG A 148 18.69 -29.23 4.17
C ARG A 148 19.69 -28.76 3.08
N GLY A 149 19.20 -28.14 2.00
CA GLY A 149 20.08 -27.76 0.88
C GLY A 149 20.21 -26.26 0.67
N LYS A 150 21.41 -25.72 0.82
CA LYS A 150 21.60 -24.27 0.70
C LYS A 150 22.88 -23.91 -0.02
N ALA A 151 22.76 -23.05 -1.02
CA ALA A 151 23.91 -22.47 -1.72
C ALA A 151 23.85 -20.96 -1.66
N VAL A 152 24.94 -20.33 -2.05
CA VAL A 152 25.09 -18.94 -1.75
C VAL A 152 25.81 -18.16 -2.86
N VAL A 153 25.35 -16.95 -3.12
CA VAL A 153 25.95 -16.16 -4.20
C VAL A 153 27.21 -15.50 -3.70
N PRO A 154 28.10 -15.18 -4.61
CA PRO A 154 29.37 -14.53 -4.26
C PRO A 154 29.07 -13.34 -3.38
N ALA A 155 29.86 -13.18 -2.33
CA ALA A 155 29.62 -12.14 -1.32
C ALA A 155 29.47 -10.72 -1.91
N GLU A 156 30.33 -10.34 -2.85
CA GLU A 156 30.24 -9.02 -3.45
C GLU A 156 28.84 -8.79 -4.03
N GLU A 157 28.33 -9.77 -4.76
CA GLU A 157 26.98 -9.67 -5.33
C GLU A 157 25.92 -9.25 -4.30
N HIS A 158 25.97 -9.84 -3.11
CA HIS A 158 25.00 -9.46 -2.09
C HIS A 158 25.38 -8.14 -1.45
N ALA A 159 26.67 -7.90 -1.33
CA ALA A 159 27.14 -6.65 -0.77
C ALA A 159 26.53 -5.50 -1.57
N LEU A 160 26.40 -5.72 -2.88
CA LEU A 160 25.90 -4.71 -3.77
C LEU A 160 24.40 -4.55 -3.59
N LYS A 161 23.69 -5.67 -3.49
CA LYS A 161 22.27 -5.62 -3.18
C LYS A 161 22.04 -4.83 -1.89
N ILE A 162 22.84 -5.10 -0.86
CA ILE A 162 22.73 -4.38 0.40
C ILE A 162 22.90 -2.91 0.14
N ALA A 163 24.06 -2.55 -0.39
CA ALA A 163 24.32 -1.19 -0.81
C ALA A 163 23.11 -0.59 -1.50
N ALA A 164 22.69 -1.19 -2.61
CA ALA A 164 21.48 -0.75 -3.32
C ALA A 164 20.36 -0.46 -2.32
N ALA A 165 20.02 -1.46 -1.51
CA ALA A 165 19.04 -1.31 -0.45
C ALA A 165 19.28 -0.02 0.32
N ARG A 166 20.49 0.12 0.85
CA ARG A 166 20.85 1.29 1.62
C ARG A 166 20.44 2.57 0.89
N GLU A 167 20.91 2.74 -0.33
CA GLU A 167 20.62 3.97 -1.05
C GLU A 167 19.10 4.17 -1.17
N ALA A 168 18.37 3.09 -1.42
CA ALA A 168 16.95 3.20 -1.64
C ALA A 168 16.26 3.60 -0.34
N ILE A 169 16.90 3.29 0.78
CA ILE A 169 16.37 3.62 2.09
C ILE A 169 16.46 5.11 2.45
N GLY A 170 17.57 5.75 2.09
CA GLY A 170 17.74 7.20 2.36
C GLY A 170 17.43 7.59 3.79
N ASP A 171 16.65 8.67 3.95
CA ASP A 171 16.16 9.09 5.26
C ASP A 171 15.15 8.11 5.90
N SER A 172 14.43 7.35 5.09
CA SER A 172 13.40 6.46 5.61
C SER A 172 13.79 5.79 6.93
N ASP A 173 12.84 5.76 7.86
CA ASP A 173 12.98 5.01 9.11
C ASP A 173 12.88 3.55 8.77
N PHE A 174 14.02 2.92 8.52
CA PHE A 174 13.97 1.57 7.96
C PHE A 174 15.27 0.79 8.21
N PHE A 175 15.27 0.01 9.29
CA PHE A 175 16.42 -0.76 9.78
C PHE A 175 16.76 -1.96 8.88
N LEU A 176 18.00 -1.98 8.38
CA LEU A 176 18.42 -2.92 7.34
C LEU A 176 19.26 -4.06 7.86
N VAL A 177 18.78 -5.29 7.65
CA VAL A 177 19.50 -6.45 8.14
C VAL A 177 20.05 -7.33 7.02
N ALA A 178 21.36 -7.59 7.05
CA ALA A 178 22.01 -8.44 6.05
C ALA A 178 22.22 -9.82 6.61
N ARG A 179 21.63 -10.80 5.96
CA ARG A 179 21.70 -12.15 6.45
C ARG A 179 22.65 -12.94 5.60
N THR A 180 23.47 -13.78 6.22
CA THR A 180 24.28 -14.70 5.46
C THR A 180 23.97 -16.15 5.78
N ASP A 181 23.79 -16.95 4.74
CA ASP A 181 23.46 -18.35 4.90
C ASP A 181 24.66 -19.23 4.60
N ALA A 182 25.84 -18.63 4.66
CA ALA A 182 27.07 -19.32 4.24
C ALA A 182 27.55 -20.39 5.21
N ARG A 183 27.06 -20.34 6.45
CA ARG A 183 27.60 -21.21 7.51
C ARG A 183 27.57 -22.70 7.17
N ALA A 184 26.44 -23.19 6.66
CA ALA A 184 26.31 -24.62 6.34
C ALA A 184 27.25 -25.08 5.24
N PRO A 185 27.12 -24.51 4.06
CA PRO A 185 27.99 -24.86 2.94
C PRO A 185 29.48 -24.49 3.09
N HIS A 186 29.80 -23.53 3.97
CA HIS A 186 31.17 -22.95 4.00
C HIS A 186 31.86 -22.76 5.39
N GLY A 187 31.18 -23.08 6.48
CA GLY A 187 31.75 -22.83 7.80
C GLY A 187 31.55 -21.43 8.35
N LEU A 188 31.77 -21.28 9.66
CA LEU A 188 31.53 -20.02 10.35
C LEU A 188 32.42 -18.87 9.87
N GLU A 189 33.60 -19.19 9.37
CA GLU A 189 34.50 -18.16 8.88
C GLU A 189 33.83 -17.33 7.79
N GLU A 190 33.35 -18.00 6.74
CA GLU A 190 32.72 -17.30 5.62
C GLU A 190 31.54 -16.52 6.12
N GLY A 191 30.72 -17.19 6.93
CA GLY A 191 29.53 -16.56 7.46
C GLY A 191 29.95 -15.21 8.01
N ILE A 192 31.01 -15.25 8.84
CA ILE A 192 31.51 -14.07 9.53
C ILE A 192 32.08 -13.02 8.56
N ARG A 193 33.07 -13.36 7.74
CA ARG A 193 33.55 -12.34 6.79
C ARG A 193 32.40 -11.73 5.99
N ARG A 194 31.46 -12.54 5.53
CA ARG A 194 30.36 -12.02 4.73
C ARG A 194 29.54 -11.03 5.56
N ALA A 195 29.27 -11.37 6.81
CA ALA A 195 28.57 -10.45 7.68
C ALA A 195 29.32 -9.13 7.72
N ASN A 196 30.59 -9.18 8.10
CA ASN A 196 31.40 -7.99 8.16
C ASN A 196 31.43 -7.29 6.80
N LEU A 197 31.40 -8.08 5.74
CA LEU A 197 31.45 -7.49 4.41
C LEU A 197 30.17 -6.70 4.18
N TYR A 198 29.06 -7.25 4.67
CA TYR A 198 27.78 -6.66 4.39
C TYR A 198 27.54 -5.47 5.29
N LYS A 199 28.12 -5.52 6.49
CA LYS A 199 28.06 -4.35 7.38
C LYS A 199 28.71 -3.19 6.66
N GLU A 200 29.92 -3.39 6.18
CA GLU A 200 30.60 -2.34 5.45
C GLU A 200 29.83 -1.85 4.26
N ALA A 201 28.95 -2.68 3.69
CA ALA A 201 28.20 -2.24 2.54
C ALA A 201 26.96 -1.45 2.98
N GLY A 202 26.83 -1.24 4.29
CA GLY A 202 25.76 -0.38 4.82
C GLY A 202 24.49 -1.01 5.38
N ALA A 203 24.54 -2.27 5.81
CA ALA A 203 23.49 -2.79 6.66
C ALA A 203 23.64 -2.13 8.04
N ASP A 204 22.57 -2.18 8.84
CA ASP A 204 22.61 -1.65 10.20
C ASP A 204 22.92 -2.78 11.16
N ALA A 205 22.67 -4.00 10.70
CA ALA A 205 22.88 -5.14 11.53
C ALA A 205 23.08 -6.35 10.63
N THR A 206 23.54 -7.42 11.25
CA THR A 206 24.14 -8.51 10.54
C THR A 206 23.60 -9.82 11.13
N PHE A 207 23.32 -10.79 10.27
CA PHE A 207 22.70 -12.04 10.73
C PHE A 207 23.40 -13.26 10.12
N VAL A 208 24.26 -13.90 10.93
CA VAL A 208 24.84 -15.19 10.59
C VAL A 208 23.86 -16.31 10.92
N GLU A 209 23.25 -16.89 9.89
CA GLU A 209 22.27 -17.96 10.09
C GLU A 209 22.84 -19.25 10.69
N ALA A 210 22.17 -19.75 11.72
CA ALA A 210 22.36 -21.11 12.25
C ALA A 210 23.69 -21.44 12.91
N PRO A 211 24.21 -20.56 13.78
CA PRO A 211 25.30 -20.98 14.66
C PRO A 211 24.78 -22.22 15.35
N ALA A 212 25.60 -23.25 15.43
CA ALA A 212 25.12 -24.57 15.83
C ALA A 212 24.96 -24.76 17.33
N ASN A 213 25.46 -23.80 18.09
CA ASN A 213 25.53 -23.93 19.53
C ASN A 213 26.17 -22.69 20.15
N VAL A 214 26.30 -22.69 21.47
CA VAL A 214 26.75 -21.51 22.18
C VAL A 214 28.13 -21.02 21.73
N ASP A 215 29.14 -21.89 21.76
CA ASP A 215 30.47 -21.52 21.29
C ASP A 215 30.36 -20.73 19.99
N GLU A 216 29.67 -21.31 19.02
CA GLU A 216 29.56 -20.69 17.72
C GLU A 216 28.90 -19.31 17.74
N LEU A 217 27.87 -19.14 18.57
CA LEU A 217 27.33 -17.80 18.79
C LEU A 217 28.44 -16.85 19.31
N LYS A 218 29.03 -17.18 20.45
CA LYS A 218 30.04 -16.35 21.05
C LYS A 218 31.09 -16.00 20.00
N GLU A 219 31.37 -16.94 19.10
CA GLU A 219 32.39 -16.68 18.07
C GLU A 219 31.89 -15.65 17.08
N VAL A 220 30.59 -15.65 16.84
CA VAL A 220 30.05 -14.70 15.90
C VAL A 220 30.04 -13.36 16.60
N SER A 221 29.64 -13.41 17.87
CA SER A 221 29.62 -12.23 18.68
C SER A 221 31.02 -11.58 18.74
N ALA A 222 32.04 -12.39 18.87
CA ALA A 222 33.39 -11.88 19.01
C ALA A 222 33.95 -11.35 17.69
N LYS A 223 33.47 -11.85 16.56
CA LYS A 223 34.16 -11.56 15.30
C LYS A 223 33.38 -10.74 14.27
N THR A 224 32.08 -10.53 14.52
CA THR A 224 31.32 -9.63 13.66
C THR A 224 31.12 -8.27 14.32
N LYS A 225 31.36 -7.22 13.56
CA LYS A 225 31.32 -5.89 14.13
C LYS A 225 29.95 -5.23 13.99
N GLY A 226 29.42 -4.73 15.09
CA GLY A 226 28.19 -3.95 15.03
C GLY A 226 27.00 -4.63 15.67
N LEU A 227 25.82 -4.31 15.17
CA LEU A 227 24.61 -4.91 15.69
C LEU A 227 24.42 -6.30 15.11
N ARG A 228 23.97 -7.23 15.95
CA ARG A 228 23.83 -8.63 15.58
C ARG A 228 22.42 -9.23 15.81
N ILE A 229 22.00 -10.09 14.87
CA ILE A 229 20.73 -10.79 14.97
C ILE A 229 20.98 -12.25 15.33
N ALA A 230 20.07 -12.84 16.11
CA ALA A 230 20.02 -14.28 16.33
C ALA A 230 18.63 -14.69 15.92
N ASN A 231 18.45 -15.94 15.51
CA ASN A 231 17.13 -16.37 15.08
C ASN A 231 16.69 -17.70 15.68
N MET A 232 15.96 -17.60 16.79
CA MET A 232 15.35 -18.72 17.49
C MET A 232 14.23 -19.45 16.72
N ILE A 233 14.47 -20.72 16.41
CA ILE A 233 13.47 -21.57 15.79
C ILE A 233 13.38 -22.88 16.57
N GLU A 234 12.19 -23.21 17.06
CA GLU A 234 12.02 -24.40 17.89
C GLU A 234 12.22 -25.66 17.07
N GLY A 235 13.20 -26.47 17.48
CA GLY A 235 13.64 -27.63 16.71
C GLY A 235 14.77 -27.24 15.77
N GLY A 236 15.20 -26.00 15.87
CA GLY A 236 16.26 -25.48 15.00
C GLY A 236 17.64 -25.96 15.37
N LYS A 237 18.64 -25.48 14.66
CA LYS A 237 20.01 -25.89 14.91
C LYS A 237 20.61 -25.02 16.00
N THR A 238 20.15 -23.78 16.07
CA THR A 238 20.62 -22.90 17.12
C THR A 238 19.87 -23.16 18.41
N PRO A 239 20.61 -23.19 19.53
CA PRO A 239 20.04 -23.46 20.85
C PRO A 239 19.14 -22.30 21.30
N LEU A 240 18.14 -22.59 22.12
CA LEU A 240 17.14 -21.59 22.49
C LEU A 240 17.55 -20.74 23.67
N HIS A 241 17.61 -19.43 23.47
CA HIS A 241 18.07 -18.53 24.52
C HIS A 241 17.22 -17.27 24.66
N THR A 242 17.31 -16.62 25.82
CA THR A 242 16.47 -15.45 26.11
C THR A 242 17.19 -14.16 25.80
N PRO A 243 16.42 -13.09 25.63
CA PRO A 243 17.00 -11.76 25.42
C PRO A 243 18.08 -11.48 26.44
N GLU A 244 17.71 -11.55 27.73
CA GLU A 244 18.63 -11.27 28.84
C GLU A 244 19.96 -12.04 28.66
N GLU A 245 19.87 -13.27 28.14
CA GLU A 245 21.06 -14.08 27.90
C GLU A 245 21.76 -13.56 26.66
N PHE A 246 21.00 -13.41 25.59
CA PHE A 246 21.60 -12.91 24.36
C PHE A 246 22.28 -11.57 24.59
N LYS A 247 21.62 -10.69 25.34
CA LYS A 247 22.24 -9.41 25.73
C LYS A 247 23.67 -9.67 26.17
N GLU A 248 23.83 -10.67 27.05
CA GLU A 248 25.13 -11.10 27.57
C GLU A 248 26.07 -11.64 26.50
N MET A 249 25.53 -12.32 25.50
CA MET A 249 26.34 -12.86 24.41
C MET A 249 26.52 -11.84 23.28
N GLY A 250 26.05 -10.61 23.50
CA GLY A 250 26.23 -9.54 22.52
C GLY A 250 25.41 -9.70 21.25
N PHE A 251 24.12 -9.99 21.41
CA PHE A 251 23.18 -10.01 20.31
C PHE A 251 22.04 -9.05 20.64
N HIS A 252 21.53 -8.34 19.64
CA HIS A 252 20.59 -7.24 19.89
C HIS A 252 19.16 -7.46 19.41
N LEU A 253 18.99 -8.29 18.39
CA LEU A 253 17.71 -8.47 17.77
C LEU A 253 17.51 -9.95 17.64
N ILE A 254 16.57 -10.48 18.41
CA ILE A 254 16.26 -11.90 18.38
C ILE A 254 14.96 -12.13 17.66
N ALA A 255 15.01 -12.71 16.47
CA ALA A 255 13.81 -13.16 15.79
C ALA A 255 13.35 -14.39 16.51
N HIS A 256 12.08 -14.43 16.90
CA HIS A 256 11.49 -15.73 17.21
C HIS A 256 10.53 -16.07 16.08
N SER A 257 11.05 -16.59 14.97
CA SER A 257 10.26 -16.61 13.72
C SER A 257 9.05 -17.55 13.58
N LEU A 258 9.14 -18.82 13.96
CA LEU A 258 8.06 -19.78 13.59
C LEU A 258 7.06 -20.05 14.72
N THR A 259 7.32 -19.47 15.90
CA THR A 259 6.46 -19.76 17.01
C THR A 259 4.97 -19.64 16.66
N ALA A 260 4.56 -18.43 16.27
CA ALA A 260 3.17 -18.20 15.98
C ALA A 260 2.62 -19.31 15.05
N VAL A 261 3.19 -19.48 13.86
CA VAL A 261 2.63 -20.42 12.92
C VAL A 261 2.60 -21.78 13.57
N TYR A 262 3.62 -22.06 14.37
CA TYR A 262 3.73 -23.39 14.96
C TYR A 262 2.65 -23.68 16.00
N ALA A 263 2.47 -22.75 16.95
CA ALA A 263 1.40 -22.83 17.93
C ALA A 263 0.09 -23.01 17.18
N THR A 264 -0.11 -22.13 16.21
CA THR A 264 -1.29 -22.14 15.40
C THR A 264 -1.58 -23.51 14.79
N ALA A 265 -0.56 -24.10 14.17
CA ALA A 265 -0.71 -25.32 13.42
C ALA A 265 -1.18 -26.48 14.31
N ARG A 266 -0.62 -26.49 15.53
CA ARG A 266 -0.96 -27.54 16.47
C ARG A 266 -2.40 -27.34 16.89
N ALA A 267 -2.71 -26.09 17.24
CA ALA A 267 -4.06 -25.74 17.65
C ALA A 267 -5.07 -26.23 16.59
N LEU A 268 -4.78 -26.02 15.31
CA LEU A 268 -5.76 -26.35 14.30
C LEU A 268 -5.88 -27.85 14.15
N VAL A 269 -4.77 -28.54 14.32
CA VAL A 269 -4.77 -29.97 14.12
C VAL A 269 -5.54 -30.67 15.25
N ASN A 270 -5.29 -30.27 16.49
CA ASN A 270 -6.03 -30.80 17.62
C ASN A 270 -7.51 -30.57 17.44
N ILE A 271 -7.89 -29.29 17.35
CA ILE A 271 -9.31 -29.00 17.28
C ILE A 271 -10.04 -29.77 16.15
N MET A 272 -9.42 -29.83 14.98
CA MET A 272 -10.12 -30.36 13.85
C MET A 272 -10.24 -31.89 13.96
N LYS A 273 -9.35 -32.49 14.75
CA LYS A 273 -9.47 -33.90 15.10
C LYS A 273 -10.74 -34.10 15.91
N ILE A 274 -10.80 -33.39 17.04
CA ILE A 274 -11.95 -33.39 17.91
C ILE A 274 -13.24 -33.13 17.14
N LEU A 275 -13.23 -32.08 16.34
CA LEU A 275 -14.40 -31.67 15.59
C LEU A 275 -14.78 -32.81 14.68
N LYS A 276 -13.79 -33.43 14.05
CA LYS A 276 -14.02 -34.55 13.15
C LYS A 276 -14.55 -35.77 13.88
N GLU A 277 -13.92 -36.15 14.99
CA GLU A 277 -14.26 -37.41 15.66
C GLU A 277 -15.52 -37.35 16.51
N LYS A 278 -15.66 -36.29 17.30
CA LYS A 278 -16.80 -36.13 18.18
C LYS A 278 -17.93 -35.38 17.50
N GLY A 279 -17.67 -34.89 16.30
CA GLY A 279 -18.68 -34.14 15.55
C GLY A 279 -19.07 -32.79 16.17
N THR A 280 -18.42 -32.43 17.26
CA THR A 280 -18.67 -31.13 17.84
C THR A 280 -17.61 -30.74 18.83
N THR A 281 -17.60 -29.44 19.11
CA THR A 281 -16.67 -28.78 20.01
C THR A 281 -17.26 -28.70 21.41
N ARG A 282 -18.57 -28.86 21.42
CA ARG A 282 -19.39 -29.04 22.59
C ARG A 282 -18.65 -29.41 23.90
N ASP A 283 -17.75 -30.40 23.85
CA ASP A 283 -17.11 -30.86 25.09
C ASP A 283 -15.71 -30.32 25.31
N ASP A 284 -15.18 -29.59 24.35
CA ASP A 284 -13.81 -29.12 24.44
C ASP A 284 -13.73 -27.62 24.31
N LEU A 285 -14.71 -26.91 24.83
CA LEU A 285 -14.78 -25.48 24.66
C LEU A 285 -13.56 -24.70 25.17
N ASP A 286 -12.85 -25.24 26.16
CA ASP A 286 -11.70 -24.50 26.72
C ASP A 286 -10.52 -24.39 25.76
N GLN A 287 -10.59 -25.08 24.63
CA GLN A 287 -9.64 -24.89 23.53
C GLN A 287 -9.79 -23.57 22.79
N MET A 288 -11.03 -23.14 22.56
CA MET A 288 -11.27 -21.87 21.89
C MET A 288 -11.27 -20.64 22.82
N ALA A 289 -11.11 -19.47 22.20
CA ALA A 289 -11.08 -18.21 22.93
C ALA A 289 -12.47 -17.69 23.31
N THR A 290 -12.47 -16.69 24.21
CA THR A 290 -13.69 -16.02 24.70
C THR A 290 -14.19 -14.83 23.87
N PHE A 291 -15.49 -14.59 23.94
CA PHE A 291 -16.08 -13.51 23.20
C PHE A 291 -15.41 -12.20 23.59
N SER A 292 -15.44 -11.85 24.88
CA SER A 292 -14.74 -10.64 25.31
C SER A 292 -13.26 -10.69 24.90
N GLU A 293 -12.63 -11.85 25.09
CA GLU A 293 -11.23 -12.11 24.71
C GLU A 293 -10.97 -11.83 23.24
N PHE A 294 -11.76 -12.49 22.38
CA PHE A 294 -11.53 -12.36 20.96
C PHE A 294 -11.67 -10.91 20.62
N ASN A 295 -12.84 -10.37 20.93
CA ASN A 295 -13.13 -8.97 20.68
C ASN A 295 -12.06 -8.05 21.27
N GLU A 296 -11.49 -8.45 22.40
CA GLU A 296 -10.37 -7.72 22.96
C GLU A 296 -9.20 -7.69 21.94
N LEU A 297 -9.00 -8.77 21.19
CA LEU A 297 -7.93 -8.79 20.22
C LEU A 297 -8.25 -7.95 18.99
N ILE A 298 -9.53 -7.82 18.66
CA ILE A 298 -9.87 -7.10 17.49
C ILE A 298 -10.76 -5.87 17.72
N SER A 299 -11.01 -5.56 19.00
CA SER A 299 -11.78 -4.43 19.50
C SER A 299 -13.29 -4.15 19.29
N LEU A 300 -14.13 -5.19 19.36
CA LEU A 300 -15.56 -5.07 19.02
C LEU A 300 -16.25 -3.99 19.80
N GLU A 301 -15.58 -3.45 20.81
CA GLU A 301 -16.17 -2.34 21.54
C GLU A 301 -15.70 -1.00 20.97
N SER A 302 -14.39 -0.88 20.72
CA SER A 302 -13.85 0.25 19.96
C SER A 302 -14.71 0.58 18.71
N TRP A 303 -15.23 -0.47 18.06
CA TRP A 303 -16.03 -0.28 16.85
C TRP A 303 -17.46 0.16 17.16
N TYR A 304 -18.24 -0.71 17.79
CA TYR A 304 -19.58 -0.35 18.25
C TYR A 304 -19.69 1.11 18.69
N GLU A 305 -18.60 1.64 19.25
CA GLU A 305 -18.54 3.05 19.70
C GLU A 305 -18.43 4.02 18.53
N MET A 306 -17.37 3.85 17.75
CA MET A 306 -17.18 4.68 16.56
C MET A 306 -18.45 4.62 15.71
N GLU A 307 -19.06 3.44 15.65
CA GLU A 307 -20.32 3.22 14.92
C GLU A 307 -21.46 4.11 15.43
N SER A 308 -21.63 4.15 16.75
CA SER A 308 -22.71 4.92 17.40
C SER A 308 -22.49 6.42 17.30
N LYS A 309 -21.23 6.83 17.33
CA LYS A 309 -20.84 8.23 17.16
C LYS A 309 -21.39 8.85 15.87
N PHE A 310 -21.68 8.00 14.88
CA PHE A 310 -22.08 8.44 13.54
C PHE A 310 -23.45 7.94 13.03
N LYS A 311 -24.29 7.41 13.92
CA LYS A 311 -25.61 6.90 13.53
C LYS A 311 -26.59 8.00 13.16
N LYS B 28 -3.03 24.04 4.90
CA LYS B 28 -3.26 22.64 5.31
C LYS B 28 -2.84 21.69 4.21
N THR B 29 -3.58 21.72 3.11
CA THR B 29 -3.48 20.68 2.10
C THR B 29 -2.69 21.10 0.88
N THR B 30 -2.26 20.10 0.11
CA THR B 30 -1.60 20.35 -1.14
C THR B 30 -2.61 20.89 -2.14
N MET B 31 -3.87 20.52 -2.00
CA MET B 31 -4.88 21.14 -2.82
C MET B 31 -5.05 22.59 -2.48
N HIS B 32 -5.07 22.88 -1.18
CA HIS B 32 -5.16 24.25 -0.69
C HIS B 32 -4.03 25.09 -1.26
N ARG B 33 -2.80 24.68 -0.94
CA ARG B 33 -1.60 25.36 -1.42
C ARG B 33 -1.49 25.32 -2.96
N LEU B 34 -2.36 24.54 -3.59
CA LEU B 34 -2.36 24.39 -5.04
C LEU B 34 -3.42 25.33 -5.64
N ILE B 35 -4.54 25.48 -4.94
CA ILE B 35 -5.63 26.31 -5.41
C ILE B 35 -5.29 27.74 -5.07
N GLU B 36 -4.35 27.92 -4.16
CA GLU B 36 -3.81 29.24 -3.92
C GLU B 36 -2.84 29.59 -5.05
N GLU B 37 -1.74 28.85 -5.17
CA GLU B 37 -0.70 29.14 -6.18
C GLU B 37 -1.27 29.38 -7.58
N HIS B 38 -2.38 28.72 -7.88
CA HIS B 38 -3.02 28.85 -9.19
C HIS B 38 -4.45 29.33 -9.00
N GLY B 39 -5.17 29.54 -10.09
CA GLY B 39 -6.54 30.04 -9.98
C GLY B 39 -7.52 28.92 -9.74
N SER B 40 -7.82 28.20 -10.82
CA SER B 40 -8.56 26.95 -10.76
C SER B 40 -7.59 25.91 -11.25
N VAL B 41 -7.52 24.79 -10.53
CA VAL B 41 -6.55 23.78 -10.83
C VAL B 41 -7.08 22.75 -11.82
N LEU B 42 -6.37 22.57 -12.92
CA LEU B 42 -6.76 21.57 -13.90
C LEU B 42 -6.15 20.22 -13.53
N MET B 43 -7.02 19.23 -13.35
CA MET B 43 -6.65 17.94 -12.78
C MET B 43 -7.15 16.89 -13.74
N PRO B 44 -6.33 16.53 -14.72
CA PRO B 44 -6.73 15.51 -15.66
C PRO B 44 -7.14 14.25 -14.95
N GLY B 45 -8.12 13.55 -15.51
CA GLY B 45 -8.54 12.26 -14.98
C GLY B 45 -7.54 11.23 -15.44
N VAL B 46 -7.22 10.29 -14.55
CA VAL B 46 -6.22 9.25 -14.80
C VAL B 46 -6.84 7.85 -14.63
N GLN B 47 -6.47 6.90 -15.48
CA GLN B 47 -6.95 5.52 -15.26
C GLN B 47 -5.87 4.49 -14.91
N ASP B 48 -4.62 4.91 -14.76
CA ASP B 48 -3.52 3.99 -14.42
C ASP B 48 -2.15 4.66 -14.45
N ALA B 49 -1.12 3.84 -14.33
CA ALA B 49 0.22 4.32 -14.10
C ALA B 49 0.75 5.06 -15.31
N LEU B 50 0.63 4.42 -16.46
CA LEU B 50 1.14 5.02 -17.70
C LEU B 50 0.50 6.40 -17.92
N SER B 51 -0.82 6.47 -17.74
CA SER B 51 -1.53 7.72 -17.92
C SER B 51 -1.11 8.69 -16.82
N ALA B 52 -1.09 8.21 -15.58
CA ALA B 52 -0.63 9.05 -14.49
C ALA B 52 0.75 9.58 -14.85
N ALA B 53 1.58 8.73 -15.41
CA ALA B 53 2.96 9.11 -15.77
C ALA B 53 2.95 10.24 -16.78
N VAL B 54 2.15 10.06 -17.84
CA VAL B 54 2.05 11.05 -18.91
C VAL B 54 1.52 12.38 -18.37
N VAL B 55 0.53 12.31 -17.48
CA VAL B 55 0.00 13.52 -16.89
C VAL B 55 1.10 14.27 -16.12
N GLU B 56 1.79 13.60 -15.20
CA GLU B 56 2.86 14.25 -14.46
C GLU B 56 3.87 14.85 -15.40
N LYS B 57 4.34 14.02 -16.34
CA LYS B 57 5.39 14.41 -17.26
C LYS B 57 5.00 15.65 -18.05
N THR B 58 3.71 15.87 -18.25
CA THR B 58 3.27 17.01 -19.04
C THR B 58 3.11 18.29 -18.24
N GLY B 59 3.60 18.29 -17.01
CA GLY B 59 3.60 19.53 -16.23
C GLY B 59 2.48 19.69 -15.20
N PHE B 60 1.33 19.06 -15.43
CA PHE B 60 0.23 19.13 -14.48
C PHE B 60 0.68 18.92 -13.04
N HIS B 61 -0.05 19.53 -12.10
CA HIS B 61 0.28 19.42 -10.68
C HIS B 61 -0.71 18.56 -9.90
N ALA B 62 -1.74 18.08 -10.58
CA ALA B 62 -2.74 17.24 -9.92
C ALA B 62 -3.35 16.21 -10.89
N ALA B 63 -3.94 15.15 -10.35
CA ALA B 63 -4.58 14.12 -11.17
C ALA B 63 -5.68 13.40 -10.42
N PHE B 64 -6.67 12.93 -11.17
CA PHE B 64 -7.87 12.40 -10.58
C PHE B 64 -8.00 10.92 -10.92
N VAL B 65 -7.90 10.04 -9.92
CA VAL B 65 -8.15 8.62 -10.18
C VAL B 65 -9.66 8.37 -10.44
N SER B 66 -10.03 8.33 -11.72
CA SER B 66 -11.41 8.18 -12.16
C SER B 66 -11.99 6.75 -12.11
N GLY B 67 -13.00 6.57 -11.27
CA GLY B 67 -13.67 5.28 -11.15
C GLY B 67 -14.13 4.74 -12.49
N TYR B 68 -14.67 5.65 -13.29
CA TYR B 68 -15.22 5.33 -14.62
C TYR B 68 -14.10 4.76 -15.48
N SER B 69 -12.95 5.43 -15.43
CA SER B 69 -11.80 5.09 -16.23
C SER B 69 -11.19 3.81 -15.70
N VAL B 70 -11.01 3.76 -14.41
CA VAL B 70 -10.44 2.59 -13.79
C VAL B 70 -11.29 1.35 -14.09
N SER B 71 -12.61 1.49 -13.99
CA SER B 71 -13.56 0.42 -14.40
C SER B 71 -13.31 -0.12 -15.80
N ALA B 72 -13.23 0.80 -16.75
CA ALA B 72 -13.05 0.44 -18.13
C ALA B 72 -11.67 -0.17 -18.25
N ALA B 73 -10.67 0.58 -17.82
CA ALA B 73 -9.30 0.25 -18.12
C ALA B 73 -8.85 -1.01 -17.38
N MET B 74 -9.07 -1.02 -16.08
CA MET B 74 -8.59 -2.08 -15.23
C MET B 74 -9.43 -3.34 -15.32
N LEU B 75 -10.75 -3.18 -15.48
CA LEU B 75 -11.70 -4.33 -15.41
C LEU B 75 -12.53 -4.55 -16.66
N GLY B 76 -12.55 -3.58 -17.56
CA GLY B 76 -13.38 -3.66 -18.75
C GLY B 76 -14.85 -3.56 -18.37
N LEU B 77 -15.14 -2.65 -17.44
CA LEU B 77 -16.50 -2.52 -16.90
C LEU B 77 -17.06 -1.10 -17.02
N PRO B 78 -18.34 -1.00 -17.33
CA PRO B 78 -19.04 0.29 -17.35
C PRO B 78 -19.12 0.92 -15.96
N ASP B 79 -19.16 2.25 -15.90
CA ASP B 79 -19.22 2.92 -14.62
C ASP B 79 -20.56 2.66 -13.93
N PHE B 80 -20.81 1.38 -13.62
CA PHE B 80 -22.14 0.92 -13.22
C PHE B 80 -22.13 0.42 -11.79
N GLY B 81 -21.18 0.94 -11.00
CA GLY B 81 -21.09 0.60 -9.58
C GLY B 81 -20.63 -0.82 -9.27
N LEU B 82 -19.78 -1.38 -10.12
CA LEU B 82 -19.26 -2.70 -9.87
C LEU B 82 -17.87 -2.64 -9.23
N LEU B 83 -17.20 -1.52 -9.42
CA LEU B 83 -15.83 -1.34 -8.94
C LEU B 83 -15.82 -1.16 -7.43
N THR B 84 -15.07 -2.01 -6.73
CA THR B 84 -15.08 -1.97 -5.29
C THR B 84 -14.00 -1.04 -4.78
N THR B 85 -14.24 -0.56 -3.58
CA THR B 85 -13.34 0.33 -2.86
C THR B 85 -11.92 -0.28 -2.80
N THR B 86 -11.85 -1.59 -2.62
CA THR B 86 -10.58 -2.31 -2.59
C THR B 86 -9.83 -2.14 -3.90
N GLU B 87 -10.55 -2.21 -5.01
CA GLU B 87 -9.90 -2.09 -6.31
C GLU B 87 -9.34 -0.67 -6.57
N VAL B 88 -10.13 0.38 -6.33
CA VAL B 88 -9.59 1.74 -6.53
C VAL B 88 -8.38 1.98 -5.62
N VAL B 89 -8.37 1.36 -4.44
CA VAL B 89 -7.16 1.40 -3.62
C VAL B 89 -5.94 0.76 -4.34
N GLU B 90 -6.09 -0.45 -4.89
CA GLU B 90 -4.97 -1.09 -5.58
C GLU B 90 -4.50 -0.15 -6.69
N ALA B 91 -5.45 0.39 -7.45
CA ALA B 91 -5.08 1.23 -8.56
C ALA B 91 -4.39 2.49 -8.03
N THR B 92 -4.95 3.06 -6.97
CA THR B 92 -4.35 4.24 -6.38
C THR B 92 -2.89 3.97 -5.99
N ARG B 93 -2.63 2.83 -5.38
CA ARG B 93 -1.29 2.55 -4.90
C ARG B 93 -0.32 2.62 -6.08
N ARG B 94 -0.74 2.03 -7.20
CA ARG B 94 0.14 1.96 -8.37
C ARG B 94 0.38 3.35 -8.94
N ILE B 95 -0.72 4.06 -9.20
CA ILE B 95 -0.66 5.42 -9.68
C ILE B 95 0.18 6.33 -8.76
N THR B 96 0.08 6.16 -7.46
CA THR B 96 0.92 6.90 -6.54
C THR B 96 2.40 6.64 -6.83
N ALA B 97 2.82 5.39 -6.68
CA ALA B 97 4.18 4.98 -6.96
C ALA B 97 4.70 5.51 -8.31
N ALA B 98 3.84 5.48 -9.33
CA ALA B 98 4.27 5.79 -10.70
C ALA B 98 4.44 7.28 -10.95
N ALA B 99 3.63 8.10 -10.28
CA ALA B 99 3.76 9.54 -10.36
C ALA B 99 3.83 10.13 -8.94
N PRO B 100 4.95 9.88 -8.25
CA PRO B 100 5.13 10.30 -6.84
C PRO B 100 4.90 11.77 -6.54
N ASN B 101 5.15 12.64 -7.51
CA ASN B 101 4.97 14.09 -7.35
C ASN B 101 3.53 14.54 -7.54
N LEU B 102 2.89 14.07 -8.60
CA LEU B 102 1.49 14.35 -8.84
C LEU B 102 0.69 14.34 -7.54
N CYS B 103 -0.10 15.38 -7.34
CA CYS B 103 -1.00 15.41 -6.21
C CYS B 103 -2.27 14.64 -6.56
N VAL B 104 -2.34 13.39 -6.08
CA VAL B 104 -3.40 12.47 -6.52
C VAL B 104 -4.66 12.46 -5.66
N VAL B 105 -5.79 12.62 -6.37
CA VAL B 105 -7.11 12.72 -5.80
C VAL B 105 -7.93 11.56 -6.35
N VAL B 106 -8.68 10.88 -5.47
CA VAL B 106 -9.29 9.63 -5.84
C VAL B 106 -10.81 9.68 -5.87
N ASP B 107 -11.40 9.07 -6.91
CA ASP B 107 -12.84 8.87 -7.02
C ASP B 107 -13.28 7.83 -6.00
N GLY B 108 -13.98 8.28 -4.96
CA GLY B 108 -14.34 7.41 -3.83
C GLY B 108 -15.74 6.87 -3.98
N ASP B 109 -16.36 7.21 -5.10
CA ASP B 109 -17.74 6.77 -5.30
C ASP B 109 -18.57 7.06 -4.06
N THR B 110 -19.46 6.13 -3.78
CA THR B 110 -20.26 6.11 -2.59
C THR B 110 -19.39 6.09 -1.34
N GLY B 111 -18.14 5.70 -1.48
CA GLY B 111 -17.34 5.60 -0.28
C GLY B 111 -17.45 4.24 0.34
N GLY B 112 -18.04 3.29 -0.39
CA GLY B 112 -17.90 1.87 -0.06
C GLY B 112 -18.75 1.32 1.08
N GLY B 113 -19.68 2.13 1.59
CA GLY B 113 -20.61 1.67 2.60
C GLY B 113 -21.09 2.77 3.53
N GLY B 114 -21.05 2.48 4.82
CA GLY B 114 -21.46 3.47 5.81
C GLY B 114 -20.27 4.18 6.38
N PRO B 115 -20.48 4.95 7.44
CA PRO B 115 -19.38 5.69 8.03
C PRO B 115 -18.18 4.77 8.21
N LEU B 116 -18.35 3.63 8.87
CA LEU B 116 -17.18 2.83 9.18
C LEU B 116 -16.40 2.41 7.93
N ASN B 117 -17.12 2.12 6.85
CA ASN B 117 -16.43 1.74 5.62
C ASN B 117 -15.65 2.90 5.05
N VAL B 118 -16.25 4.07 5.12
CA VAL B 118 -15.64 5.25 4.59
C VAL B 118 -14.34 5.46 5.31
N GLN B 119 -14.38 5.40 6.63
CA GLN B 119 -13.18 5.68 7.40
C GLN B 119 -12.06 4.73 7.00
N ARG B 120 -12.35 3.44 6.97
CA ARG B 120 -11.37 2.46 6.59
C ARG B 120 -10.81 2.83 5.21
N PHE B 121 -11.72 3.10 4.29
CA PHE B 121 -11.37 3.43 2.91
C PHE B 121 -10.44 4.61 2.90
N ILE B 122 -10.86 5.70 3.55
CA ILE B 122 -10.02 6.90 3.76
C ILE B 122 -8.64 6.53 4.28
N ARG B 123 -8.57 5.71 5.31
CA ARG B 123 -7.27 5.39 5.91
C ARG B 123 -6.41 4.72 4.88
N GLU B 124 -7.04 3.89 4.06
CA GLU B 124 -6.33 3.09 3.08
C GLU B 124 -5.81 3.93 1.95
N LEU B 125 -6.60 4.92 1.54
CA LEU B 125 -6.15 5.88 0.51
C LEU B 125 -5.03 6.77 1.02
N ILE B 126 -5.04 7.09 2.31
CA ILE B 126 -3.95 7.86 2.83
C ILE B 126 -2.68 7.01 2.74
N SER B 127 -2.77 5.73 3.08
CA SER B 127 -1.65 4.78 2.89
C SER B 127 -1.31 4.50 1.45
N ALA B 128 -2.28 4.64 0.56
CA ALA B 128 -2.03 4.39 -0.86
C ALA B 128 -1.33 5.60 -1.46
N GLY B 129 -1.07 6.59 -0.60
CA GLY B 129 -0.33 7.78 -0.99
C GLY B 129 -1.14 8.92 -1.59
N ALA B 130 -2.47 8.79 -1.65
CA ALA B 130 -3.30 9.82 -2.27
C ALA B 130 -3.45 11.05 -1.36
N LYS B 131 -4.01 12.13 -1.92
CA LYS B 131 -4.18 13.35 -1.15
C LYS B 131 -5.62 13.87 -1.11
N GLY B 132 -6.59 13.10 -1.61
CA GLY B 132 -7.99 13.54 -1.52
C GLY B 132 -9.03 12.60 -2.09
N VAL B 133 -10.29 12.83 -1.71
CA VAL B 133 -11.41 12.05 -2.27
C VAL B 133 -12.58 12.87 -2.75
N PHE B 134 -13.29 12.26 -3.70
CA PHE B 134 -14.64 12.65 -4.04
C PHE B 134 -15.53 11.56 -3.42
N LEU B 135 -16.60 11.95 -2.74
CA LEU B 135 -17.62 11.01 -2.25
C LEU B 135 -19.04 11.49 -2.58
N GLU B 136 -19.89 10.55 -3.00
CA GLU B 136 -21.18 10.84 -3.62
C GLU B 136 -22.42 10.70 -2.75
N ASP B 137 -23.53 11.11 -3.36
CA ASP B 137 -24.87 11.19 -2.81
C ASP B 137 -25.63 9.95 -3.12
N GLN B 138 -25.13 9.21 -4.10
CA GLN B 138 -25.92 8.17 -4.73
C GLN B 138 -26.19 6.97 -3.84
N VAL B 139 -27.33 6.35 -4.10
CA VAL B 139 -27.60 4.99 -3.71
C VAL B 139 -26.56 4.06 -4.35
N TRP B 140 -26.04 3.11 -3.58
CA TRP B 140 -25.22 2.05 -4.15
C TRP B 140 -26.14 0.93 -4.72
N PRO B 141 -25.80 0.38 -5.88
CA PRO B 141 -24.59 0.77 -6.62
C PRO B 141 -24.81 2.02 -7.48
N LYS B 142 -23.76 2.84 -7.65
CA LYS B 142 -23.85 4.12 -8.35
C LYS B 142 -23.67 4.00 -9.85
N LYS B 143 -23.80 5.14 -10.53
CA LYS B 143 -23.54 5.23 -11.96
C LYS B 143 -22.80 6.51 -12.25
N CYS B 144 -22.27 6.64 -13.46
CA CYS B 144 -21.69 7.88 -13.88
C CYS B 144 -22.68 9.01 -13.64
N GLY B 145 -22.17 10.16 -13.20
CA GLY B 145 -23.02 11.34 -12.94
C GLY B 145 -23.71 11.91 -14.17
N HIS B 146 -23.24 11.51 -15.35
CA HIS B 146 -23.83 11.91 -16.61
C HIS B 146 -24.69 10.78 -17.21
N MET B 147 -25.06 9.82 -16.37
CA MET B 147 -25.82 8.67 -16.83
C MET B 147 -27.28 8.66 -16.39
N ARG B 148 -28.04 7.85 -17.10
CA ARG B 148 -29.49 7.97 -17.22
C ARG B 148 -30.35 7.84 -15.95
N GLY B 149 -30.03 6.88 -15.07
CA GLY B 149 -30.98 6.55 -13.99
C GLY B 149 -30.50 6.56 -12.55
N LYS B 150 -29.99 7.71 -12.09
CA LYS B 150 -29.40 7.84 -10.75
C LYS B 150 -30.40 8.13 -9.64
N ALA B 151 -30.05 7.73 -8.43
CA ALA B 151 -30.85 7.98 -7.24
C ALA B 151 -29.94 8.43 -6.12
N VAL B 152 -30.48 9.17 -5.16
CA VAL B 152 -29.63 9.65 -4.08
C VAL B 152 -30.18 9.35 -2.70
N VAL B 153 -29.29 9.04 -1.75
CA VAL B 153 -29.69 8.83 -0.36
C VAL B 153 -30.08 10.18 0.24
N PRO B 154 -30.86 10.15 1.30
CA PRO B 154 -31.25 11.40 1.97
C PRO B 154 -29.99 12.19 2.26
N ALA B 155 -30.05 13.52 2.16
CA ALA B 155 -28.90 14.35 2.48
C ALA B 155 -28.27 13.98 3.83
N GLU B 156 -29.02 14.07 4.92
CA GLU B 156 -28.45 13.78 6.24
C GLU B 156 -27.56 12.55 6.20
N GLU B 157 -28.05 11.49 5.57
CA GLU B 157 -27.30 10.21 5.53
C GLU B 157 -25.88 10.38 4.99
N HIS B 158 -25.73 11.22 3.96
CA HIS B 158 -24.43 11.43 3.37
C HIS B 158 -23.62 12.45 4.15
N ALA B 159 -24.29 13.49 4.62
CA ALA B 159 -23.65 14.41 5.54
C ALA B 159 -22.79 13.63 6.56
N LEU B 160 -23.38 12.66 7.25
CA LEU B 160 -22.64 11.88 8.24
C LEU B 160 -21.41 11.25 7.63
N LYS B 161 -21.52 10.68 6.43
CA LYS B 161 -20.33 10.10 5.81
C LYS B 161 -19.21 11.14 5.63
N ILE B 162 -19.54 12.33 5.11
CA ILE B 162 -18.54 13.38 5.00
C ILE B 162 -17.91 13.60 6.38
N ALA B 163 -18.77 13.85 7.37
CA ALA B 163 -18.35 13.94 8.76
C ALA B 163 -17.44 12.77 9.15
N ALA B 164 -17.80 11.57 8.72
CA ALA B 164 -17.02 10.40 9.07
C ALA B 164 -15.61 10.47 8.46
N ALA B 165 -15.54 10.75 7.17
CA ALA B 165 -14.27 10.90 6.49
C ALA B 165 -13.47 12.01 7.16
N ARG B 166 -14.14 13.15 7.37
CA ARG B 166 -13.51 14.28 8.03
C ARG B 166 -12.66 13.88 9.23
N GLU B 167 -13.27 13.14 10.16
CA GLU B 167 -12.54 12.77 11.36
C GLU B 167 -11.36 11.86 11.03
N ALA B 168 -11.59 10.94 10.11
CA ALA B 168 -10.55 9.99 9.74
C ALA B 168 -9.32 10.76 9.23
N ILE B 169 -9.55 11.83 8.46
CA ILE B 169 -8.46 12.53 7.82
C ILE B 169 -7.51 13.21 8.81
N GLY B 170 -8.04 13.80 9.86
CA GLY B 170 -7.21 14.46 10.84
C GLY B 170 -6.20 15.38 10.20
N ASP B 171 -4.94 15.26 10.62
CA ASP B 171 -3.86 16.10 10.13
C ASP B 171 -3.39 15.68 8.75
N SER B 172 -3.65 14.43 8.39
CA SER B 172 -3.27 13.92 7.08
C SER B 172 -3.49 14.92 5.95
N ASP B 173 -2.61 14.87 4.96
CA ASP B 173 -2.64 15.79 3.84
C ASP B 173 -3.68 15.31 2.82
N PHE B 174 -4.94 15.63 3.08
CA PHE B 174 -6.05 15.00 2.35
C PHE B 174 -7.22 15.94 2.05
N PHE B 175 -7.49 16.14 0.76
CA PHE B 175 -8.53 17.07 0.32
C PHE B 175 -9.86 16.34 0.19
N LEU B 176 -10.90 16.87 0.81
CA LEU B 176 -12.17 16.16 0.92
C LEU B 176 -13.30 16.81 0.15
N VAL B 177 -13.52 16.32 -1.06
CA VAL B 177 -14.56 16.80 -1.93
C VAL B 177 -15.83 15.97 -1.76
N ALA B 178 -16.94 16.64 -1.48
CA ALA B 178 -18.24 16.01 -1.27
C ALA B 178 -19.05 16.22 -2.52
N ARG B 179 -19.47 15.13 -3.16
CA ARG B 179 -20.18 15.27 -4.43
C ARG B 179 -21.65 15.01 -4.27
N THR B 180 -22.47 15.79 -4.98
CA THR B 180 -23.93 15.57 -4.98
C THR B 180 -24.47 15.23 -6.36
N ASP B 181 -25.15 14.10 -6.50
CA ASP B 181 -25.75 13.74 -7.78
C ASP B 181 -27.22 14.08 -7.82
N ALA B 182 -27.62 15.00 -6.95
CA ALA B 182 -29.04 15.34 -6.78
C ALA B 182 -29.69 16.12 -7.93
N ARG B 183 -28.90 16.78 -8.78
CA ARG B 183 -29.50 17.62 -9.83
C ARG B 183 -30.37 16.81 -10.75
N ALA B 184 -29.82 15.71 -11.28
CA ALA B 184 -30.55 14.88 -12.22
C ALA B 184 -31.99 14.58 -11.81
N PRO B 185 -32.22 13.93 -10.66
CA PRO B 185 -33.57 13.60 -10.26
C PRO B 185 -34.32 14.66 -9.44
N HIS B 186 -33.67 15.71 -8.97
CA HIS B 186 -34.38 16.67 -8.11
C HIS B 186 -34.18 18.15 -8.44
N GLY B 187 -33.34 18.44 -9.44
CA GLY B 187 -33.06 19.83 -9.83
C GLY B 187 -31.97 20.52 -9.02
N LEU B 188 -31.40 21.57 -9.61
CA LEU B 188 -30.35 22.38 -8.98
C LEU B 188 -30.60 22.78 -7.52
N GLU B 189 -31.86 23.06 -7.18
CA GLU B 189 -32.18 23.41 -5.80
C GLU B 189 -31.68 22.32 -4.87
N GLU B 190 -32.20 21.12 -5.03
CA GLU B 190 -31.83 20.02 -4.15
C GLU B 190 -30.31 19.90 -4.17
N GLY B 191 -29.75 19.68 -5.35
CA GLY B 191 -28.32 19.49 -5.48
C GLY B 191 -27.57 20.49 -4.63
N ILE B 192 -27.91 21.77 -4.81
CA ILE B 192 -27.24 22.85 -4.11
C ILE B 192 -27.34 22.73 -2.58
N ARG B 193 -28.55 22.67 -2.02
CA ARG B 193 -28.68 22.63 -0.56
C ARG B 193 -27.87 21.50 0.01
N ARG B 194 -27.80 20.39 -0.74
CA ARG B 194 -27.02 19.26 -0.32
C ARG B 194 -25.56 19.67 -0.28
N ALA B 195 -25.13 20.43 -1.29
CA ALA B 195 -23.76 20.92 -1.35
C ALA B 195 -23.40 21.69 -0.08
N ASN B 196 -24.18 22.70 0.25
CA ASN B 196 -23.93 23.47 1.48
C ASN B 196 -23.99 22.64 2.77
N LEU B 197 -24.82 21.60 2.75
CA LEU B 197 -24.91 20.74 3.91
C LEU B 197 -23.63 19.92 4.07
N TYR B 198 -23.11 19.41 2.96
CA TYR B 198 -21.88 18.64 3.02
C TYR B 198 -20.68 19.53 3.38
N LYS B 199 -20.78 20.81 3.04
CA LYS B 199 -19.78 21.77 3.46
C LYS B 199 -19.81 21.90 4.98
N GLU B 200 -20.98 22.17 5.54
CA GLU B 200 -21.10 22.17 6.99
C GLU B 200 -20.49 20.90 7.58
N ALA B 201 -20.80 19.75 6.96
CA ALA B 201 -20.37 18.45 7.50
C ALA B 201 -18.84 18.33 7.67
N GLY B 202 -18.10 19.19 6.95
CA GLY B 202 -16.64 19.25 7.05
C GLY B 202 -15.87 18.98 5.75
N ALA B 203 -16.55 19.10 4.60
CA ALA B 203 -15.89 18.93 3.30
C ALA B 203 -14.98 20.13 3.04
N ASP B 204 -13.88 19.87 2.33
CA ASP B 204 -12.93 20.92 1.97
C ASP B 204 -13.49 21.75 0.84
N ALA B 205 -14.20 21.07 -0.04
CA ALA B 205 -14.80 21.70 -1.21
C ALA B 205 -16.03 20.91 -1.63
N THR B 206 -16.78 21.48 -2.55
CA THR B 206 -18.08 20.94 -2.94
C THR B 206 -18.15 20.69 -4.44
N PHE B 207 -18.94 19.70 -4.83
CA PHE B 207 -19.02 19.30 -6.23
C PHE B 207 -20.48 19.07 -6.62
N VAL B 208 -21.06 19.98 -7.41
CA VAL B 208 -22.43 19.77 -7.90
C VAL B 208 -22.42 19.14 -9.28
N GLU B 209 -22.63 17.82 -9.35
CA GLU B 209 -22.47 17.08 -10.59
C GLU B 209 -23.47 17.46 -11.68
N ALA B 210 -22.96 17.55 -12.90
CA ALA B 210 -23.76 17.65 -14.12
C ALA B 210 -24.68 18.85 -14.21
N PRO B 211 -24.15 20.05 -14.03
CA PRO B 211 -24.90 21.25 -14.39
C PRO B 211 -25.13 21.19 -15.89
N ALA B 212 -26.35 21.49 -16.36
CA ALA B 212 -26.72 21.31 -17.77
C ALA B 212 -26.16 22.39 -18.71
N ASN B 213 -25.81 23.55 -18.16
CA ASN B 213 -25.27 24.63 -18.97
C ASN B 213 -24.56 25.70 -18.15
N VAL B 214 -24.12 26.76 -18.83
CA VAL B 214 -23.40 27.84 -18.19
C VAL B 214 -24.23 28.40 -17.02
N ASP B 215 -25.36 29.02 -17.35
CA ASP B 215 -26.28 29.53 -16.35
C ASP B 215 -26.32 28.68 -15.07
N GLU B 216 -26.56 27.39 -15.23
CA GLU B 216 -26.53 26.46 -14.13
C GLU B 216 -25.24 26.60 -13.34
N LEU B 217 -24.11 26.41 -14.02
CA LEU B 217 -22.80 26.54 -13.38
C LEU B 217 -22.74 27.79 -12.54
N LYS B 218 -22.96 28.94 -13.19
CA LYS B 218 -22.86 30.23 -12.50
C LYS B 218 -23.79 30.27 -11.29
N GLU B 219 -24.94 29.61 -11.40
CA GLU B 219 -25.86 29.58 -10.29
C GLU B 219 -25.29 28.71 -9.16
N VAL B 220 -24.59 27.64 -9.53
CA VAL B 220 -23.94 26.85 -8.51
C VAL B 220 -22.98 27.77 -7.76
N SER B 221 -22.26 28.60 -8.50
CA SER B 221 -21.22 29.43 -7.91
C SER B 221 -21.74 30.51 -6.96
N ALA B 222 -22.96 30.97 -7.19
CA ALA B 222 -23.52 32.03 -6.38
C ALA B 222 -24.02 31.54 -5.01
N LYS B 223 -24.62 30.35 -4.97
CA LYS B 223 -25.15 29.81 -3.71
C LYS B 223 -24.54 28.50 -3.23
N THR B 224 -23.22 28.37 -3.35
CA THR B 224 -22.51 27.34 -2.62
C THR B 224 -21.33 27.97 -1.90
N LYS B 225 -21.28 27.78 -0.58
CA LYS B 225 -20.29 28.42 0.26
C LYS B 225 -18.93 27.69 0.24
N GLY B 226 -17.92 28.36 -0.29
CA GLY B 226 -16.54 27.87 -0.26
C GLY B 226 -16.09 27.33 -1.60
N LEU B 227 -15.09 26.46 -1.56
CA LEU B 227 -14.48 25.91 -2.75
C LEU B 227 -15.37 24.94 -3.52
N ARG B 228 -15.32 25.07 -4.84
CA ARG B 228 -16.22 24.37 -5.76
C ARG B 228 -15.46 23.57 -6.81
N ILE B 229 -15.96 22.39 -7.13
CA ILE B 229 -15.40 21.58 -8.21
C ILE B 229 -16.24 21.74 -9.46
N ALA B 230 -15.76 21.18 -10.56
CA ALA B 230 -16.50 21.17 -11.82
C ALA B 230 -15.85 20.11 -12.69
N ASN B 231 -16.68 19.32 -13.34
CA ASN B 231 -16.22 18.13 -14.02
C ASN B 231 -16.52 18.18 -15.52
N MET B 232 -15.46 18.13 -16.34
CA MET B 232 -15.62 18.27 -17.77
C MET B 232 -15.63 16.89 -18.42
N ILE B 233 -16.70 16.59 -19.14
CA ILE B 233 -16.89 15.29 -19.78
C ILE B 233 -17.29 15.45 -21.25
N GLU B 234 -16.41 15.00 -22.12
CA GLU B 234 -16.51 15.26 -23.56
C GLU B 234 -17.78 14.64 -24.11
N GLY B 235 -18.78 15.47 -24.41
CA GLY B 235 -20.06 14.99 -24.91
C GLY B 235 -21.00 14.68 -23.76
N GLY B 236 -20.61 15.12 -22.56
CA GLY B 236 -21.43 14.99 -21.37
C GLY B 236 -22.47 16.08 -21.31
N LYS B 237 -23.05 16.28 -20.13
CA LYS B 237 -24.16 17.23 -20.00
C LYS B 237 -23.73 18.64 -19.62
N THR B 238 -22.43 18.87 -19.48
CA THR B 238 -21.96 20.21 -19.11
C THR B 238 -21.15 20.82 -20.25
N PRO B 239 -21.26 22.15 -20.40
CA PRO B 239 -20.44 22.87 -21.36
C PRO B 239 -18.98 22.78 -20.96
N LEU B 240 -18.11 22.70 -21.96
CA LEU B 240 -16.66 22.51 -21.73
C LEU B 240 -15.93 23.85 -21.63
N HIS B 241 -15.34 24.10 -20.46
CA HIS B 241 -14.70 25.38 -20.20
C HIS B 241 -13.27 25.26 -19.68
N THR B 242 -12.59 26.39 -19.61
CA THR B 242 -11.16 26.43 -19.28
C THR B 242 -10.92 27.01 -17.89
N PRO B 243 -9.74 26.72 -17.33
CA PRO B 243 -9.36 27.19 -16.01
C PRO B 243 -9.50 28.70 -15.82
N GLU B 244 -9.24 29.47 -16.88
CA GLU B 244 -9.41 30.92 -16.83
C GLU B 244 -10.91 31.23 -16.78
N GLU B 245 -11.67 30.58 -17.65
CA GLU B 245 -13.12 30.75 -17.67
C GLU B 245 -13.75 30.33 -16.35
N PHE B 246 -13.24 29.26 -15.75
CA PHE B 246 -13.78 28.78 -14.48
C PHE B 246 -13.39 29.69 -13.31
N LYS B 247 -12.12 30.08 -13.27
CA LYS B 247 -11.66 31.07 -12.31
C LYS B 247 -12.69 32.20 -12.34
N GLU B 248 -13.06 32.63 -13.54
CA GLU B 248 -14.06 33.69 -13.72
C GLU B 248 -15.39 33.33 -13.06
N MET B 249 -15.91 32.15 -13.36
CA MET B 249 -17.18 31.70 -12.81
C MET B 249 -17.08 31.30 -11.34
N GLY B 250 -15.87 31.08 -10.85
CA GLY B 250 -15.68 30.73 -9.43
C GLY B 250 -15.65 29.24 -9.09
N PHE B 251 -14.91 28.46 -9.88
CA PHE B 251 -14.71 27.04 -9.62
C PHE B 251 -13.21 26.77 -9.52
N HIS B 252 -12.78 26.03 -8.51
CA HIS B 252 -11.36 25.99 -8.14
C HIS B 252 -10.62 24.72 -8.52
N LEU B 253 -11.36 23.63 -8.69
CA LEU B 253 -10.79 22.32 -9.01
C LEU B 253 -11.55 21.80 -10.22
N ILE B 254 -10.87 21.58 -11.33
CA ILE B 254 -11.55 21.09 -12.53
C ILE B 254 -11.16 19.67 -12.94
N ALA B 255 -11.96 18.67 -12.59
CA ALA B 255 -11.64 17.30 -13.02
C ALA B 255 -11.96 17.10 -14.49
N HIS B 256 -10.99 16.66 -15.28
CA HIS B 256 -11.21 16.40 -16.70
C HIS B 256 -11.24 14.88 -16.85
N SER B 257 -12.23 14.29 -16.21
CA SER B 257 -12.22 12.88 -15.86
C SER B 257 -11.90 11.88 -16.96
N LEU B 258 -12.56 12.00 -18.11
CA LEU B 258 -12.50 10.95 -19.12
C LEU B 258 -11.62 11.25 -20.33
N THR B 259 -10.87 12.34 -20.27
CA THR B 259 -10.01 12.70 -21.40
C THR B 259 -9.10 11.52 -21.72
N ALA B 260 -8.32 11.11 -20.72
CA ALA B 260 -7.30 10.06 -20.91
C ALA B 260 -7.89 8.77 -21.50
N VAL B 261 -8.94 8.28 -20.87
CA VAL B 261 -9.55 7.04 -21.30
C VAL B 261 -10.19 7.17 -22.65
N TYR B 262 -10.84 8.31 -22.88
CA TYR B 262 -11.54 8.48 -24.13
C TYR B 262 -10.57 8.52 -25.29
N ALA B 263 -9.47 9.25 -25.13
CA ALA B 263 -8.43 9.27 -26.14
C ALA B 263 -7.95 7.85 -26.39
N THR B 264 -7.66 7.15 -25.29
CA THR B 264 -7.16 5.81 -25.39
C THR B 264 -8.07 4.93 -26.24
N ALA B 265 -9.34 4.90 -25.90
CA ALA B 265 -10.29 4.03 -26.59
C ALA B 265 -10.34 4.28 -28.09
N ARG B 266 -10.37 5.54 -28.51
CA ARG B 266 -10.28 5.80 -29.92
C ARG B 266 -9.03 5.13 -30.46
N ALA B 267 -7.88 5.55 -29.96
CA ALA B 267 -6.60 5.11 -30.51
C ALA B 267 -6.53 3.59 -30.66
N LEU B 268 -7.01 2.89 -29.63
CA LEU B 268 -7.04 1.43 -29.58
C LEU B 268 -7.91 0.84 -30.70
N VAL B 269 -9.08 1.45 -30.92
CA VAL B 269 -10.02 0.96 -31.91
C VAL B 269 -9.46 1.22 -33.30
N ASN B 270 -8.84 2.38 -33.47
CA ASN B 270 -8.22 2.78 -34.75
C ASN B 270 -7.13 1.81 -35.16
N ILE B 271 -6.13 1.69 -34.30
CA ILE B 271 -4.96 0.87 -34.58
C ILE B 271 -5.32 -0.61 -34.77
N MET B 272 -6.28 -1.08 -33.99
CA MET B 272 -6.63 -2.48 -34.08
C MET B 272 -7.41 -2.79 -35.34
N LYS B 273 -8.23 -1.85 -35.79
CA LYS B 273 -8.90 -2.00 -37.07
C LYS B 273 -7.85 -2.10 -38.16
N ILE B 274 -6.92 -1.14 -38.18
CA ILE B 274 -5.85 -1.15 -39.15
C ILE B 274 -5.12 -2.49 -39.10
N LEU B 275 -4.88 -2.99 -37.88
CA LEU B 275 -4.17 -4.24 -37.69
C LEU B 275 -4.94 -5.43 -38.27
N LYS B 276 -6.25 -5.44 -38.07
CA LYS B 276 -7.08 -6.56 -38.48
C LYS B 276 -7.19 -6.69 -39.99
N GLU B 277 -7.26 -5.57 -40.68
CA GLU B 277 -7.56 -5.62 -42.11
C GLU B 277 -6.33 -5.61 -43.01
N LYS B 278 -5.21 -5.16 -42.48
CA LYS B 278 -3.91 -5.25 -43.17
C LYS B 278 -3.07 -6.38 -42.58
N GLY B 279 -3.16 -6.55 -41.26
CA GLY B 279 -2.32 -7.51 -40.55
C GLY B 279 -0.96 -6.91 -40.26
N THR B 280 -0.92 -5.58 -40.14
CA THR B 280 0.35 -4.87 -40.06
C THR B 280 0.23 -3.39 -39.78
N THR B 281 1.08 -2.91 -38.89
CA THR B 281 1.23 -1.48 -38.68
C THR B 281 2.20 -0.90 -39.69
N ARG B 282 2.99 -1.77 -40.31
CA ARG B 282 4.10 -1.37 -41.18
C ARG B 282 3.94 -0.04 -41.93
N ASP B 283 2.85 0.10 -42.68
CA ASP B 283 2.61 1.30 -43.45
C ASP B 283 2.33 2.51 -42.52
N ASP B 284 1.30 2.39 -41.71
CA ASP B 284 0.87 3.49 -40.83
C ASP B 284 1.47 3.52 -39.42
N LEU B 285 2.72 3.96 -39.30
CA LEU B 285 3.41 4.04 -38.01
C LEU B 285 3.31 5.40 -37.31
N ASP B 286 2.57 6.35 -37.87
CA ASP B 286 2.49 7.65 -37.22
C ASP B 286 1.46 7.65 -36.11
N GLN B 287 0.75 6.54 -35.99
CA GLN B 287 -0.20 6.36 -34.91
C GLN B 287 0.48 5.93 -33.62
N MET B 288 1.58 5.20 -33.74
CA MET B 288 2.31 4.76 -32.54
C MET B 288 3.37 5.74 -32.11
N ALA B 289 4.13 5.36 -31.10
CA ALA B 289 5.16 6.23 -30.57
C ALA B 289 6.56 5.68 -30.85
N THR B 290 7.56 6.56 -30.75
CA THR B 290 8.97 6.21 -30.91
C THR B 290 9.56 5.61 -29.63
N PHE B 291 10.77 5.09 -29.74
CA PHE B 291 11.46 4.54 -28.60
C PHE B 291 12.23 5.63 -27.88
N SER B 292 12.93 6.48 -28.65
CA SER B 292 13.32 7.79 -28.14
C SER B 292 12.19 8.29 -27.24
N GLU B 293 10.95 8.12 -27.72
CA GLU B 293 9.77 8.66 -27.09
C GLU B 293 9.22 7.73 -26.04
N PHE B 294 9.02 6.47 -26.40
CA PHE B 294 8.40 5.59 -25.41
C PHE B 294 9.30 5.53 -24.22
N ASN B 295 10.54 5.13 -24.48
CA ASN B 295 11.52 5.01 -23.44
C ASN B 295 11.86 6.36 -22.82
N GLU B 296 11.88 7.43 -23.62
CA GLU B 296 11.91 8.77 -23.05
C GLU B 296 10.73 8.89 -22.11
N LEU B 297 9.56 8.44 -22.55
CA LEU B 297 8.41 8.47 -21.68
C LEU B 297 8.74 7.88 -20.31
N ILE B 298 9.21 6.62 -20.30
CA ILE B 298 9.45 5.88 -19.06
C ILE B 298 10.89 5.99 -18.55
N SER B 299 11.77 6.61 -19.31
CA SER B 299 13.14 6.85 -18.85
C SER B 299 14.04 5.63 -18.95
N LEU B 300 13.96 4.90 -20.05
CA LEU B 300 14.76 3.69 -20.16
C LEU B 300 16.17 4.05 -19.77
N GLU B 301 16.83 4.87 -20.59
CA GLU B 301 18.18 5.33 -20.30
C GLU B 301 18.40 5.55 -18.80
N SER B 302 17.54 6.36 -18.17
CA SER B 302 17.59 6.62 -16.74
C SER B 302 17.84 5.35 -15.91
N TRP B 303 17.09 4.29 -16.21
CA TRP B 303 17.29 3.00 -15.56
C TRP B 303 18.64 2.36 -15.85
N TYR B 304 18.98 2.23 -17.13
CA TYR B 304 20.29 1.72 -17.51
C TYR B 304 21.38 2.33 -16.61
N GLU B 305 21.21 3.62 -16.31
CA GLU B 305 22.12 4.38 -15.43
C GLU B 305 22.16 3.85 -14.00
N MET B 306 20.99 3.71 -13.37
CA MET B 306 20.87 3.13 -12.03
C MET B 306 21.41 1.72 -11.98
N GLU B 307 21.04 0.94 -12.97
CA GLU B 307 21.48 -0.44 -13.08
C GLU B 307 22.99 -0.52 -13.00
N SER B 308 23.68 0.35 -13.73
CA SER B 308 25.14 0.33 -13.76
C SER B 308 25.79 0.74 -12.47
N LYS B 309 25.18 1.68 -11.76
CA LYS B 309 25.77 2.16 -10.51
C LYS B 309 26.09 0.97 -9.61
N PHE B 310 25.41 -0.15 -9.87
CA PHE B 310 25.42 -1.28 -8.95
C PHE B 310 25.99 -2.63 -9.44
N LYS B 311 26.58 -2.64 -10.64
CA LYS B 311 27.40 -3.79 -11.03
C LYS B 311 28.81 -3.53 -10.53
N ASN B 312 29.70 -4.51 -10.68
CA ASN B 312 31.10 -4.29 -10.33
C ASN B 312 31.99 -4.08 -11.57
MG MG C . 12.52 -16.99 4.91
O5 GAQ D . 13.47 -16.52 8.42
C5 GAQ D . 13.32 -17.68 9.26
C4 GAQ D . 14.53 -18.57 9.07
C3 GAQ D . 14.16 -19.76 8.20
C2 GAQ D . 13.63 -20.76 9.20
C1 GAQ D . 13.16 -22.09 8.62
O1 GAQ D . 12.82 -23.08 9.63
MG MG E . -17.14 7.64 -10.73
O5 GAQ F . -16.95 11.15 -10.76
C5 GAQ F . -16.61 11.19 -12.16
C4 GAQ F . -17.89 11.45 -12.93
C3 GAQ F . -17.71 11.05 -14.38
C2 GAQ F . -19.13 10.80 -14.85
C1 GAQ F . -19.33 9.62 -15.81
O1 GAQ F . -18.72 9.80 -17.10
#